data_7U0Y
#
_entry.id   7U0Y
#
_cell.length_a   61.247
_cell.length_b   96.071
_cell.length_c   148.165
_cell.angle_alpha   90.000
_cell.angle_beta   90.000
_cell.angle_gamma   90.000
#
_symmetry.space_group_name_H-M   'P 21 21 21'
#
loop_
_entity.id
_entity.type
_entity.pdbx_description
1 polymer 'Fab BL3-6 heavy chain'
2 polymer 'Fab BL3-6 light chain'
3 polymer 'RNA aptamer'
4 non-polymer 4-[(Z)-1-cyano-2-{6-[(2-hydroxyethyl)(methyl)amino]-1-benzothiophen-2-yl}ethenyl]benzonitrile
5 non-polymer 'MAGNESIUM ION'
6 water water
#
loop_
_entity_poly.entity_id
_entity_poly.type
_entity_poly.pdbx_seq_one_letter_code
_entity_poly.pdbx_strand_id
1 'polypeptide(L)'
;EVQLVESGGGLVQPGGSLRLSCAASGFYISYSSIHWVRQAPGKGLEWVASISPYSGSTYYADSVKGRFTISADTSKNTAY
LQMNSLRAEDTAVYYCARQGYRRRSGRGFDYWGQGTLVTVSSASTKGPSVFPLAPSSKSTSGGTAALGCLVKDYFPEPVT
VSWNSGALTSGVHTFPAVLQSSGLYSLSSVVTVPSSSLGTQTYLCNVNHKPSNTKVDKKVEPK
;
H
2 'polypeptide(L)'
;SDIQMTQSPSSLSASVGDRVTITCRASQSVSSAVAWYQQKPGKAPKLLIYSASSLYSGVPSRFSGSRSGTDFTLTISSLQ
PEDFATYYCQQSYSFPSTFGQGTKVEIKRTVAAPSVFIFPPSDEQLKSGTASVVCLLNNFYPREAKVQWKVDNALQSGNS
QESVTEQDSKDSTYSLSSTLTLSKADYEKHKVYACEVTHQGLSSPVTKSFNR
;
L
3 'polyribonucleotide' (GTP)GUACCUACCAAUCGUAGCGUGUCGACCAGCUGCGAAACACGCAGCUGGCACUGGCGCUGUAGGUAC R
#
# COMPACT_ATOMS: atom_id res chain seq x y z
N GLU A 1 -15.32 13.70 16.90
CA GLU A 1 -15.84 15.04 16.65
C GLU A 1 -14.93 15.80 15.68
N VAL A 2 -13.62 15.69 15.89
CA VAL A 2 -12.64 16.35 15.03
C VAL A 2 -12.38 15.47 13.82
N GLN A 3 -12.62 15.99 12.63
CA GLN A 3 -12.45 15.24 11.39
C GLN A 3 -11.82 16.14 10.34
N LEU A 4 -10.97 15.55 9.51
CA LEU A 4 -10.34 16.23 8.38
C LEU A 4 -10.59 15.41 7.14
N VAL A 5 -11.46 15.90 6.26
CA VAL A 5 -11.83 15.20 5.04
C VAL A 5 -11.33 16.02 3.86
N GLU A 6 -10.48 15.44 3.04
CA GLU A 6 -9.94 16.15 1.90
C GLU A 6 -10.48 15.56 0.59
N SER A 7 -10.22 16.30 -0.49
CA SER A 7 -10.75 15.97 -1.81
C SER A 7 -9.95 16.73 -2.84
N GLY A 8 -10.19 16.39 -4.11
CA GLY A 8 -9.58 17.07 -5.23
C GLY A 8 -8.52 16.28 -5.96
N GLY A 9 -8.15 15.10 -5.45
CA GLY A 9 -7.15 14.30 -6.11
C GLY A 9 -7.54 13.91 -7.52
N GLY A 10 -6.75 13.05 -8.15
CA GLY A 10 -7.02 12.59 -9.49
C GLY A 10 -5.76 12.57 -10.32
N LEU A 11 -5.96 12.49 -11.63
CA LEU A 11 -4.85 12.42 -12.59
C LEU A 11 -4.67 13.75 -13.28
N VAL A 12 -3.41 14.13 -13.48
CA VAL A 12 -3.05 15.38 -14.12
C VAL A 12 -1.77 15.15 -14.90
N GLN A 13 -1.59 15.91 -15.97
CA GLN A 13 -0.43 15.74 -16.83
C GLN A 13 0.79 16.46 -16.24
N PRO A 14 1.99 16.02 -16.59
CA PRO A 14 3.19 16.78 -16.23
C PRO A 14 3.06 18.23 -16.69
N GLY A 15 3.48 19.16 -15.82
CA GLY A 15 3.33 20.57 -16.07
C GLY A 15 1.95 21.12 -15.77
N GLY A 16 0.97 20.27 -15.48
CA GLY A 16 -0.36 20.75 -15.17
C GLY A 16 -0.48 21.22 -13.74
N SER A 17 -1.67 21.75 -13.43
CA SER A 17 -1.99 22.28 -12.11
C SER A 17 -3.16 21.52 -11.52
N LEU A 18 -3.33 21.67 -10.20
CA LEU A 18 -4.38 20.95 -9.48
C LEU A 18 -4.42 21.40 -8.02
N ARG A 19 -5.63 21.53 -7.49
CA ARG A 19 -5.82 22.02 -6.13
C ARG A 19 -6.51 20.95 -5.29
N LEU A 20 -6.00 20.76 -4.08
CA LEU A 20 -6.60 19.88 -3.10
C LEU A 20 -7.27 20.70 -2.00
N SER A 21 -8.43 20.24 -1.55
CA SER A 21 -9.16 20.87 -0.46
C SER A 21 -9.15 19.96 0.75
N CYS A 22 -9.20 20.55 1.94
CA CYS A 22 -9.24 19.80 3.20
C CYS A 22 -10.24 20.51 4.11
N ALA A 23 -11.46 19.99 4.18
CA ALA A 23 -12.48 20.52 5.07
C ALA A 23 -12.29 19.95 6.47
N ALA A 24 -12.42 20.82 7.47
CA ALA A 24 -12.24 20.47 8.87
C ALA A 24 -13.56 20.63 9.61
N SER A 25 -13.83 19.68 10.51
CA SER A 25 -15.00 19.73 11.36
C SER A 25 -14.59 19.42 12.79
N GLY A 26 -15.32 20.00 13.74
CA GLY A 26 -15.04 19.81 15.15
C GLY A 26 -14.01 20.75 15.72
N PHE A 27 -13.49 21.68 14.93
CA PHE A 27 -12.51 22.66 15.40
C PHE A 27 -12.34 23.72 14.32
N TYR A 28 -11.97 24.92 14.76
CA TYR A 28 -11.78 26.05 13.85
C TYR A 28 -10.34 26.10 13.39
N ILE A 29 -10.15 26.13 12.07
CA ILE A 29 -8.79 26.04 11.54
C ILE A 29 -7.96 27.25 11.93
N SER A 30 -8.61 28.40 12.16
CA SER A 30 -7.87 29.62 12.44
C SER A 30 -7.04 29.53 13.71
N TYR A 31 -7.31 28.56 14.57
CA TYR A 31 -6.64 28.43 15.85
C TYR A 31 -5.62 27.29 15.85
N SER A 32 -5.23 26.80 14.68
CA SER A 32 -4.26 25.71 14.58
C SER A 32 -3.48 25.85 13.30
N SER A 33 -2.18 25.56 13.37
CA SER A 33 -1.36 25.46 12.16
C SER A 33 -1.71 24.17 11.43
N ILE A 34 -1.90 24.26 10.12
CA ILE A 34 -2.35 23.13 9.32
C ILE A 34 -1.27 22.77 8.32
N HIS A 35 -1.00 21.47 8.17
CA HIS A 35 0.09 20.98 7.36
C HIS A 35 -0.42 20.05 6.27
N TRP A 36 0.34 19.98 5.19
CA TRP A 36 0.13 19.03 4.11
C TRP A 36 1.34 18.10 4.06
N VAL A 37 1.10 16.81 4.25
CA VAL A 37 2.14 15.78 4.15
C VAL A 37 1.78 14.92 2.94
N ARG A 38 2.76 14.15 2.47
CA ARG A 38 2.50 13.26 1.34
C ARG A 38 3.32 11.99 1.48
N GLN A 39 2.83 10.93 0.85
CA GLN A 39 3.47 9.62 0.86
C GLN A 39 3.40 9.03 -0.54
N ALA A 40 4.54 8.90 -1.19
CA ALA A 40 4.59 8.23 -2.48
C ALA A 40 4.30 6.75 -2.31
N PRO A 41 3.76 6.09 -3.34
CA PRO A 41 3.39 4.68 -3.19
C PRO A 41 4.57 3.84 -2.73
N GLY A 42 4.40 3.16 -1.59
CA GLY A 42 5.47 2.35 -1.05
C GLY A 42 6.68 3.15 -0.63
N LYS A 43 6.49 4.38 -0.15
CA LYS A 43 7.57 5.24 0.28
C LYS A 43 7.22 5.83 1.64
N GLY A 44 8.16 6.58 2.21
CA GLY A 44 7.96 7.16 3.52
C GLY A 44 7.22 8.49 3.46
N LEU A 45 6.84 8.96 4.65
CA LEU A 45 6.15 10.24 4.74
C LEU A 45 7.07 11.37 4.30
N GLU A 46 6.51 12.33 3.58
CA GLU A 46 7.26 13.49 3.09
C GLU A 46 6.47 14.74 3.45
N TRP A 47 7.00 15.53 4.38
CA TRP A 47 6.38 16.81 4.71
C TRP A 47 6.42 17.72 3.49
N VAL A 48 5.30 18.36 3.21
CA VAL A 48 5.12 19.16 1.99
C VAL A 48 5.00 20.65 2.32
N ALA A 49 4.03 21.02 3.15
CA ALA A 49 3.78 22.44 3.38
C ALA A 49 3.10 22.63 4.72
N SER A 50 3.01 23.90 5.13
CA SER A 50 2.38 24.25 6.39
C SER A 50 1.99 25.72 6.38
N ILE A 51 0.91 26.02 7.11
CA ILE A 51 0.44 27.39 7.31
C ILE A 51 0.15 27.58 8.78
N SER A 52 0.68 28.69 9.35
CA SER A 52 0.58 28.98 10.77
C SER A 52 -0.63 29.84 11.07
N PRO A 53 -1.14 29.78 12.31
CA PRO A 53 -2.32 30.58 12.65
C PRO A 53 -1.92 32.02 12.96
N TYR A 54 -2.89 32.91 12.79
CA TYR A 54 -2.84 34.28 13.28
C TYR A 54 -1.78 35.16 12.63
N SER A 55 -0.79 34.51 12.02
CA SER A 55 0.05 35.31 11.16
C SER A 55 -0.18 34.98 9.70
N GLY A 56 -0.55 33.74 9.41
CA GLY A 56 -0.70 33.27 8.05
C GLY A 56 0.61 32.86 7.39
N SER A 57 1.71 32.88 8.13
CA SER A 57 2.99 32.53 7.54
C SER A 57 2.91 31.15 6.92
N THR A 58 3.58 30.98 5.79
CA THR A 58 3.55 29.74 5.03
C THR A 58 4.97 29.21 4.88
N TYR A 59 5.12 27.89 5.06
CA TYR A 59 6.39 27.22 4.94
C TYR A 59 6.26 26.04 3.99
N TYR A 60 7.32 25.79 3.23
CA TYR A 60 7.29 24.78 2.18
C TYR A 60 8.57 23.97 2.20
N ALA A 61 8.46 22.72 1.73
CA ALA A 61 9.62 21.88 1.53
C ALA A 61 10.38 22.29 0.27
N ASP A 62 11.66 21.91 0.21
CA ASP A 62 12.48 22.27 -0.93
C ASP A 62 11.93 21.66 -2.22
N SER A 63 11.44 20.42 -2.16
CA SER A 63 10.98 19.75 -3.36
C SER A 63 9.85 20.50 -4.03
N VAL A 64 9.04 21.23 -3.27
CA VAL A 64 7.87 21.91 -3.78
C VAL A 64 7.95 23.42 -3.64
N LYS A 65 9.04 23.94 -3.08
CA LYS A 65 9.16 25.39 -2.93
C LYS A 65 9.12 26.08 -4.28
N GLY A 66 8.23 27.06 -4.41
CA GLY A 66 8.07 27.80 -5.63
C GLY A 66 6.99 27.28 -6.54
N ARG A 67 6.51 26.06 -6.33
CA ARG A 67 5.50 25.46 -7.17
C ARG A 67 4.17 25.23 -6.46
N PHE A 68 4.20 24.95 -5.16
CA PHE A 68 2.99 24.75 -4.38
C PHE A 68 2.65 26.01 -3.60
N THR A 69 1.37 26.13 -3.25
CA THR A 69 0.88 27.28 -2.49
C THR A 69 -0.21 26.80 -1.54
N ILE A 70 0.00 27.00 -0.24
CA ILE A 70 -0.97 26.62 0.78
C ILE A 70 -1.78 27.85 1.17
N SER A 71 -3.08 27.65 1.40
CA SER A 71 -3.96 28.74 1.77
C SER A 71 -5.09 28.19 2.63
N ALA A 72 -5.96 29.08 3.11
CA ALA A 72 -7.04 28.69 3.99
C ALA A 72 -8.21 29.66 3.88
N ASP A 73 -9.42 29.12 3.95
CA ASP A 73 -10.66 29.88 3.97
C ASP A 73 -11.34 29.60 5.30
N THR A 74 -11.38 30.62 6.17
CA THR A 74 -11.99 30.44 7.48
C THR A 74 -13.51 30.36 7.39
N SER A 75 -14.11 31.17 6.51
CA SER A 75 -15.56 31.11 6.34
C SER A 75 -16.01 29.70 5.97
N LYS A 76 -15.19 28.97 5.22
CA LYS A 76 -15.47 27.58 4.87
C LYS A 76 -14.74 26.60 5.77
N ASN A 77 -13.86 27.07 6.65
CA ASN A 77 -13.12 26.20 7.56
C ASN A 77 -12.34 25.13 6.79
N THR A 78 -11.69 25.55 5.70
CA THR A 78 -11.06 24.60 4.79
C THR A 78 -9.67 25.08 4.39
N ALA A 79 -8.72 24.16 4.39
CA ALA A 79 -7.38 24.44 3.88
C ALA A 79 -7.31 24.03 2.41
N TYR A 80 -6.35 24.63 1.69
CA TYR A 80 -6.20 24.38 0.26
C TYR A 80 -4.72 24.28 -0.08
N LEU A 81 -4.41 23.37 -1.00
CA LEU A 81 -3.05 23.20 -1.52
C LEU A 81 -3.11 23.26 -3.04
N GLN A 82 -2.67 24.39 -3.61
CA GLN A 82 -2.52 24.51 -5.04
C GLN A 82 -1.17 23.96 -5.46
N MET A 83 -1.15 23.20 -6.55
CA MET A 83 0.06 22.56 -7.05
C MET A 83 0.19 22.89 -8.53
N ASN A 84 1.29 23.54 -8.90
CA ASN A 84 1.55 23.95 -10.27
C ASN A 84 2.84 23.32 -10.75
N SER A 85 2.96 23.18 -12.08
CA SER A 85 4.14 22.60 -12.71
C SER A 85 4.47 21.25 -12.09
N LEU A 86 3.47 20.37 -12.09
CA LEU A 86 3.61 19.08 -11.43
C LEU A 86 4.55 18.17 -12.20
N ARG A 87 5.41 17.47 -11.47
CA ARG A 87 6.35 16.51 -12.02
C ARG A 87 5.90 15.10 -11.69
N ALA A 88 6.60 14.12 -12.26
CA ALA A 88 6.30 12.71 -11.99
C ALA A 88 6.77 12.27 -10.61
N GLU A 89 7.48 13.14 -9.88
CA GLU A 89 7.83 12.86 -8.49
C GLU A 89 6.76 13.36 -7.52
N ASP A 90 5.75 14.05 -8.02
CA ASP A 90 4.67 14.58 -7.18
C ASP A 90 3.51 13.60 -7.01
N THR A 91 3.56 12.44 -7.66
CA THR A 91 2.47 11.47 -7.53
C THR A 91 2.56 10.80 -6.17
N ALA A 92 1.48 10.86 -5.41
CA ALA A 92 1.49 10.31 -4.05
C ALA A 92 0.11 10.49 -3.42
N VAL A 93 -0.08 9.84 -2.27
CA VAL A 93 -1.25 10.10 -1.44
C VAL A 93 -0.94 11.31 -0.57
N TYR A 94 -1.75 12.36 -0.72
CA TYR A 94 -1.60 13.58 0.04
C TYR A 94 -2.53 13.56 1.25
N TYR A 95 -1.95 13.77 2.43
CA TYR A 95 -2.64 13.80 3.71
C TYR A 95 -2.70 15.25 4.19
N CYS A 96 -3.86 15.65 4.71
CA CYS A 96 -4.04 16.92 5.41
C CYS A 96 -4.01 16.65 6.91
N ALA A 97 -3.18 17.39 7.64
CA ALA A 97 -2.98 17.16 9.06
C ALA A 97 -3.12 18.45 9.84
N ARG A 98 -3.54 18.32 11.10
CA ARG A 98 -3.73 19.45 12.00
C ARG A 98 -2.76 19.32 13.16
N GLN A 99 -1.93 20.35 13.36
CA GLN A 99 -1.00 20.35 14.47
C GLN A 99 -1.75 20.54 15.77
N GLY A 100 -1.44 19.71 16.76
CA GLY A 100 -2.10 19.78 18.05
C GLY A 100 -1.89 21.10 18.77
N TYR A 101 -2.56 21.26 19.91
CA TYR A 101 -2.42 22.48 20.69
C TYR A 101 -1.10 22.47 21.45
N ARG A 102 -0.55 23.67 21.65
CA ARG A 102 0.80 23.79 22.20
C ARG A 102 0.90 23.12 23.56
N ARG A 103 -0.07 23.37 24.44
CA ARG A 103 -0.03 22.83 25.80
C ARG A 103 -0.53 21.40 25.89
N ARG A 104 -0.81 20.75 24.76
CA ARG A 104 -1.16 19.34 24.75
C ARG A 104 -0.73 18.78 23.40
N SER A 105 0.34 17.97 23.37
CA SER A 105 0.85 17.39 22.13
C SER A 105 1.56 18.44 21.28
N GLY A 106 2.50 19.15 21.90
CA GLY A 106 3.19 20.25 21.25
C GLY A 106 3.84 19.89 19.93
N ARG A 107 3.31 20.46 18.85
CA ARG A 107 3.90 20.32 17.52
C ARG A 107 3.68 18.94 16.91
N GLY A 108 3.12 18.02 17.69
CA GLY A 108 2.75 16.73 17.15
C GLY A 108 1.46 16.81 16.35
N PHE A 109 1.38 16.01 15.29
CA PHE A 109 0.23 16.04 14.40
C PHE A 109 -0.81 15.04 14.89
N ASP A 110 -1.75 15.55 15.69
CA ASP A 110 -2.95 14.80 16.02
C ASP A 110 -3.97 15.02 14.91
N TYR A 111 -4.63 13.94 14.53
CA TYR A 111 -5.80 13.94 13.67
C TYR A 111 -5.56 14.20 12.18
N TRP A 112 -5.24 13.15 11.41
CA TRP A 112 -4.76 13.28 10.05
C TRP A 112 -5.98 13.16 9.18
N GLY A 113 -5.76 13.06 7.87
CA GLY A 113 -6.81 13.30 6.93
C GLY A 113 -7.10 12.21 5.91
N GLN A 114 -7.39 10.97 6.34
CA GLN A 114 -7.74 9.92 5.38
C GLN A 114 -6.65 10.09 4.33
N GLY A 115 -6.98 10.39 3.09
CA GLY A 115 -5.95 10.81 2.16
C GLY A 115 -6.54 10.97 0.78
N THR A 116 -5.76 11.56 -0.12
CA THR A 116 -6.27 11.67 -1.50
C THR A 116 -5.13 11.47 -2.48
N LEU A 117 -5.35 10.63 -3.49
CA LEU A 117 -4.29 10.24 -4.40
C LEU A 117 -4.17 11.24 -5.54
N VAL A 118 -2.94 11.65 -5.84
CA VAL A 118 -2.63 12.53 -6.96
C VAL A 118 -1.65 11.79 -7.86
N THR A 119 -2.03 11.60 -9.12
CA THR A 119 -1.22 10.91 -10.12
C THR A 119 -0.80 11.92 -11.18
N VAL A 120 0.49 11.94 -11.50
CA VAL A 120 1.06 12.84 -12.49
C VAL A 120 1.68 11.99 -13.58
N SER A 121 1.03 11.92 -14.74
CA SER A 121 1.47 11.07 -15.82
C SER A 121 0.85 11.54 -17.13
N SER A 122 1.55 11.27 -18.23
CA SER A 122 1.05 11.59 -19.55
C SER A 122 0.16 10.50 -20.12
N ALA A 123 0.11 9.33 -19.49
CA ALA A 123 -0.80 8.27 -19.91
C ALA A 123 -2.25 8.70 -19.71
N SER A 124 -3.14 8.07 -20.47
CA SER A 124 -4.55 8.42 -20.47
C SER A 124 -5.36 7.41 -19.66
N THR A 125 -6.45 7.89 -19.07
CA THR A 125 -7.31 7.02 -18.27
C THR A 125 -7.86 5.89 -19.13
N LYS A 126 -7.82 4.68 -18.59
CA LYS A 126 -8.33 3.50 -19.28
C LYS A 126 -8.86 2.52 -18.26
N GLY A 127 -10.01 1.93 -18.55
CA GLY A 127 -10.60 0.94 -17.69
C GLY A 127 -9.97 -0.42 -17.88
N PRO A 128 -10.08 -1.28 -16.87
CA PRO A 128 -9.43 -2.59 -16.96
C PRO A 128 -10.24 -3.59 -17.78
N SER A 129 -9.52 -4.50 -18.44
CA SER A 129 -10.09 -5.73 -18.96
C SER A 129 -10.07 -6.77 -17.84
N VAL A 130 -11.22 -7.34 -17.54
CA VAL A 130 -11.36 -8.28 -16.43
C VAL A 130 -11.57 -9.68 -17.02
N PHE A 131 -10.63 -10.57 -16.73
CA PHE A 131 -10.70 -11.96 -17.16
C PHE A 131 -10.86 -12.88 -15.96
N PRO A 132 -11.38 -14.08 -16.16
CA PRO A 132 -11.47 -15.04 -15.05
C PRO A 132 -10.23 -15.93 -14.94
N LEU A 133 -9.92 -16.30 -13.70
CA LEU A 133 -8.90 -17.29 -13.38
C LEU A 133 -9.66 -18.49 -12.81
N ALA A 134 -9.95 -19.46 -13.69
CA ALA A 134 -10.88 -20.52 -13.34
C ALA A 134 -10.26 -21.49 -12.34
N PRO A 135 -11.08 -22.15 -11.53
CA PRO A 135 -10.55 -23.13 -10.58
C PRO A 135 -9.77 -24.24 -11.29
N SER A 136 -8.71 -24.70 -10.63
CA SER A 136 -7.90 -25.78 -11.18
C SER A 136 -8.76 -27.02 -11.39
N SER A 137 -8.91 -27.43 -12.65
CA SER A 137 -9.65 -28.65 -12.93
C SER A 137 -8.93 -29.88 -12.41
N LYS A 138 -7.60 -29.89 -12.44
CA LYS A 138 -6.84 -31.02 -11.96
C LYS A 138 -6.89 -31.08 -10.43
N SER A 139 -7.44 -32.16 -9.89
CA SER A 139 -7.55 -32.33 -8.44
C SER A 139 -8.19 -31.06 -7.87
N THR A 140 -7.79 -30.67 -6.67
CA THR A 140 -8.29 -29.43 -6.07
C THR A 140 -7.57 -29.05 -4.79
N SER A 141 -6.39 -29.63 -4.57
CA SER A 141 -5.53 -29.30 -3.44
C SER A 141 -6.30 -29.40 -2.12
N GLY A 142 -6.64 -30.64 -1.79
CA GLY A 142 -7.21 -30.96 -0.50
C GLY A 142 -8.47 -30.20 -0.16
N GLY A 143 -9.53 -30.42 -0.95
CA GLY A 143 -10.83 -29.88 -0.66
C GLY A 143 -10.97 -28.37 -0.79
N THR A 144 -9.89 -27.65 -1.06
CA THR A 144 -9.92 -26.20 -1.17
C THR A 144 -9.40 -25.81 -2.55
N ALA A 145 -10.30 -25.40 -3.43
CA ALA A 145 -9.92 -24.91 -4.75
C ALA A 145 -9.63 -23.41 -4.69
N ALA A 146 -8.99 -22.91 -5.74
CA ALA A 146 -8.64 -21.50 -5.82
C ALA A 146 -9.13 -20.94 -7.14
N LEU A 147 -9.82 -19.80 -7.08
CA LEU A 147 -10.30 -19.10 -8.27
C LEU A 147 -9.87 -17.64 -8.17
N GLY A 148 -10.14 -16.87 -9.21
CA GLY A 148 -9.80 -15.46 -9.13
C GLY A 148 -10.24 -14.67 -10.34
N CYS A 149 -9.87 -13.39 -10.33
CA CYS A 149 -10.11 -12.46 -11.41
C CYS A 149 -8.83 -11.70 -11.71
N LEU A 150 -8.60 -11.44 -13.00
CA LEU A 150 -7.41 -10.73 -13.47
C LEU A 150 -7.86 -9.38 -14.03
N VAL A 151 -7.47 -8.31 -13.34
CA VAL A 151 -7.80 -6.95 -13.73
C VAL A 151 -6.57 -6.37 -14.42
N LYS A 152 -6.63 -6.22 -15.75
CA LYS A 152 -5.46 -5.90 -16.54
C LYS A 152 -5.64 -4.57 -17.27
N ASP A 153 -4.52 -3.88 -17.47
CA ASP A 153 -4.43 -2.77 -18.42
C ASP A 153 -5.44 -1.67 -18.04
N TYR A 154 -5.24 -1.09 -16.86
CA TYR A 154 -6.03 0.05 -16.40
C TYR A 154 -5.08 1.12 -15.89
N PHE A 155 -5.57 2.36 -15.88
CA PHE A 155 -4.79 3.52 -15.45
C PHE A 155 -5.74 4.71 -15.29
N PRO A 156 -5.58 5.54 -14.25
CA PRO A 156 -4.62 5.39 -13.15
C PRO A 156 -5.21 4.54 -12.03
N GLU A 157 -4.48 4.39 -10.93
CA GLU A 157 -5.04 3.78 -9.73
C GLU A 157 -6.13 4.70 -9.16
N PRO A 158 -7.03 4.17 -8.31
CA PRO A 158 -7.10 2.77 -7.88
C PRO A 158 -8.29 2.01 -8.45
N VAL A 159 -8.33 0.70 -8.21
CA VAL A 159 -9.50 -0.12 -8.48
C VAL A 159 -9.89 -0.78 -7.17
N THR A 160 -11.14 -1.23 -7.10
CA THR A 160 -11.64 -1.98 -5.95
C THR A 160 -12.24 -3.28 -6.43
N VAL A 161 -11.93 -4.36 -5.73
CA VAL A 161 -12.39 -5.70 -6.09
C VAL A 161 -13.13 -6.28 -4.88
N SER A 162 -14.34 -6.77 -5.12
CA SER A 162 -15.11 -7.51 -4.13
C SER A 162 -15.51 -8.86 -4.74
N TRP A 163 -16.00 -9.76 -3.91
CA TRP A 163 -16.41 -11.09 -4.35
C TRP A 163 -17.84 -11.35 -3.88
N ASN A 164 -18.71 -11.69 -4.82
CA ASN A 164 -20.12 -11.90 -4.54
C ASN A 164 -20.74 -10.65 -3.92
N SER A 165 -20.28 -9.48 -4.40
CA SER A 165 -20.83 -8.19 -3.98
C SER A 165 -20.69 -7.97 -2.48
N GLY A 166 -19.62 -8.50 -1.90
CA GLY A 166 -19.36 -8.36 -0.48
C GLY A 166 -19.76 -9.55 0.36
N ALA A 167 -20.47 -10.51 -0.22
CA ALA A 167 -20.87 -11.69 0.54
C ALA A 167 -19.67 -12.55 0.91
N LEU A 168 -18.64 -12.57 0.07
CA LEU A 168 -17.46 -13.42 0.27
C LEU A 168 -16.28 -12.55 0.64
N THR A 169 -15.68 -12.83 1.81
CA THR A 169 -14.49 -12.14 2.26
C THR A 169 -13.42 -13.06 2.81
N SER A 170 -13.76 -14.29 3.20
CA SER A 170 -12.78 -15.19 3.79
C SER A 170 -11.79 -15.67 2.73
N GLY A 171 -10.51 -15.66 3.10
CA GLY A 171 -9.48 -16.20 2.23
C GLY A 171 -9.32 -15.45 0.93
N VAL A 172 -9.65 -14.16 0.91
CA VAL A 172 -9.52 -13.34 -0.28
C VAL A 172 -8.17 -12.62 -0.24
N HIS A 173 -7.48 -12.61 -1.37
CA HIS A 173 -6.21 -11.90 -1.50
C HIS A 173 -6.25 -11.09 -2.79
N THR A 174 -6.38 -9.77 -2.65
CA THR A 174 -6.31 -8.84 -3.79
C THR A 174 -4.91 -8.25 -3.79
N PHE A 175 -4.13 -8.57 -4.81
CA PHE A 175 -2.72 -8.23 -4.81
C PHE A 175 -2.50 -6.78 -5.21
N PRO A 176 -1.44 -6.15 -4.70
CA PRO A 176 -1.10 -4.80 -5.13
C PRO A 176 -0.90 -4.75 -6.64
N ALA A 177 -1.23 -3.59 -7.22
CA ALA A 177 -1.06 -3.40 -8.66
C ALA A 177 0.40 -3.20 -9.00
N VAL A 178 0.78 -3.61 -10.20
CA VAL A 178 2.13 -3.46 -10.71
C VAL A 178 2.06 -2.81 -12.09
N LEU A 179 2.98 -1.89 -12.35
CA LEU A 179 3.06 -1.28 -13.67
C LEU A 179 3.63 -2.28 -14.67
N GLN A 180 2.85 -2.59 -15.70
CA GLN A 180 3.33 -3.46 -16.76
C GLN A 180 4.23 -2.68 -17.70
N SER A 181 4.88 -3.41 -18.61
CA SER A 181 5.74 -2.75 -19.60
C SER A 181 4.97 -1.74 -20.43
N SER A 182 3.66 -1.94 -20.58
CA SER A 182 2.84 -1.05 -21.39
C SER A 182 2.56 0.28 -20.71
N GLY A 183 2.86 0.40 -19.41
CA GLY A 183 2.59 1.62 -18.68
C GLY A 183 1.29 1.63 -17.92
N LEU A 184 0.55 0.52 -17.93
CA LEU A 184 -0.73 0.42 -17.24
C LEU A 184 -0.63 -0.55 -16.08
N TYR A 185 -1.58 -0.45 -15.16
CA TYR A 185 -1.60 -1.31 -13.98
C TYR A 185 -2.27 -2.64 -14.28
N SER A 186 -1.91 -3.64 -13.48
CA SER A 186 -2.56 -4.94 -13.57
C SER A 186 -2.41 -5.63 -12.22
N LEU A 187 -3.46 -6.35 -11.82
CA LEU A 187 -3.44 -7.13 -10.60
C LEU A 187 -4.37 -8.33 -10.75
N SER A 188 -4.40 -9.15 -9.71
CA SER A 188 -5.30 -10.29 -9.64
C SER A 188 -5.86 -10.39 -8.22
N SER A 189 -7.13 -10.73 -8.13
CA SER A 189 -7.80 -10.97 -6.85
C SER A 189 -8.21 -12.44 -6.80
N VAL A 190 -7.65 -13.18 -5.87
CA VAL A 190 -7.87 -14.62 -5.79
C VAL A 190 -8.60 -14.96 -4.49
N VAL A 191 -9.24 -16.13 -4.50
CA VAL A 191 -9.96 -16.63 -3.34
C VAL A 191 -9.80 -18.14 -3.28
N THR A 192 -9.75 -18.67 -2.06
CA THR A 192 -9.76 -20.10 -1.81
C THR A 192 -11.12 -20.48 -1.24
N VAL A 193 -11.73 -21.52 -1.79
CA VAL A 193 -13.07 -21.92 -1.36
C VAL A 193 -13.21 -23.44 -1.34
N PRO A 194 -14.06 -24.01 -0.49
CA PRO A 194 -14.28 -25.46 -0.51
C PRO A 194 -14.58 -25.96 -1.92
N SER A 195 -13.82 -26.96 -2.36
CA SER A 195 -13.99 -27.49 -3.72
C SER A 195 -15.28 -28.28 -3.84
N SER A 196 -15.65 -29.04 -2.80
CA SER A 196 -16.87 -29.81 -2.86
C SER A 196 -18.08 -28.92 -3.11
N SER A 197 -18.06 -27.71 -2.54
CA SER A 197 -19.14 -26.75 -2.72
C SER A 197 -18.93 -25.85 -3.93
N LEU A 198 -17.94 -26.14 -4.78
CA LEU A 198 -17.65 -25.28 -5.92
C LEU A 198 -18.85 -25.21 -6.86
N GLY A 199 -19.25 -26.37 -7.41
CA GLY A 199 -20.31 -26.35 -8.42
C GLY A 199 -21.59 -25.72 -7.91
N THR A 200 -21.95 -25.98 -6.65
CA THR A 200 -23.20 -25.46 -6.13
C THR A 200 -23.15 -23.95 -5.96
N GLN A 201 -22.03 -23.43 -5.45
CA GLN A 201 -21.91 -22.01 -5.17
C GLN A 201 -21.51 -21.25 -6.42
N THR A 202 -22.00 -20.01 -6.53
CA THR A 202 -21.66 -19.11 -7.62
C THR A 202 -20.65 -18.07 -7.13
N TYR A 203 -19.62 -17.82 -7.94
CA TYR A 203 -18.56 -16.90 -7.57
C TYR A 203 -18.46 -15.81 -8.64
N LEU A 204 -18.67 -14.57 -8.22
CA LEU A 204 -18.56 -13.43 -9.13
C LEU A 204 -17.62 -12.41 -8.52
N CYS A 205 -16.74 -11.86 -9.35
CA CYS A 205 -15.84 -10.80 -8.94
C CYS A 205 -16.36 -9.46 -9.45
N ASN A 206 -16.42 -8.48 -8.57
CA ASN A 206 -16.91 -7.14 -8.88
C ASN A 206 -15.73 -6.18 -8.87
N VAL A 207 -15.38 -5.66 -10.05
CA VAL A 207 -14.28 -4.74 -10.23
C VAL A 207 -14.85 -3.36 -10.51
N ASN A 208 -14.33 -2.35 -9.81
CA ASN A 208 -14.75 -0.97 -10.01
C ASN A 208 -13.51 -0.12 -10.20
N HIS A 209 -13.46 0.59 -11.34
CA HIS A 209 -12.43 1.59 -11.64
C HIS A 209 -13.16 2.92 -11.79
N LYS A 210 -13.22 3.68 -10.70
CA LYS A 210 -13.95 4.95 -10.74
C LYS A 210 -13.32 5.96 -11.68
N PRO A 211 -11.99 6.08 -11.79
CA PRO A 211 -11.43 7.05 -12.74
C PRO A 211 -12.03 6.95 -14.14
N SER A 212 -12.03 5.76 -14.73
CA SER A 212 -12.68 5.54 -16.01
C SER A 212 -14.18 5.28 -15.87
N ASN A 213 -14.71 5.26 -14.63
CA ASN A 213 -16.13 5.05 -14.40
C ASN A 213 -16.59 3.75 -15.05
N THR A 214 -15.84 2.68 -14.77
CA THR A 214 -16.14 1.35 -15.30
C THR A 214 -16.43 0.40 -14.15
N LYS A 215 -17.46 -0.41 -14.31
CA LYS A 215 -17.85 -1.40 -13.33
C LYS A 215 -18.10 -2.71 -14.06
N VAL A 216 -17.42 -3.78 -13.64
CA VAL A 216 -17.48 -5.07 -14.30
C VAL A 216 -17.83 -6.13 -13.26
N ASP A 217 -18.70 -7.06 -13.66
CA ASP A 217 -19.05 -8.23 -12.85
C ASP A 217 -18.71 -9.46 -13.67
N LYS A 218 -17.78 -10.26 -13.18
CA LYS A 218 -17.27 -11.40 -13.94
C LYS A 218 -17.56 -12.70 -13.23
N LYS A 219 -18.21 -13.63 -13.92
CA LYS A 219 -18.33 -15.00 -13.43
C LYS A 219 -16.98 -15.72 -13.54
N VAL A 220 -16.93 -16.94 -13.03
CA VAL A 220 -15.71 -17.74 -13.08
C VAL A 220 -15.98 -19.10 -13.72
N GLU A 221 -16.58 -20.00 -12.95
CA GLU A 221 -17.04 -21.33 -13.35
C GLU A 221 -15.88 -22.27 -13.69
N PRO A 222 -16.01 -23.56 -13.34
CA PRO A 222 -14.89 -24.51 -13.49
C PRO A 222 -14.31 -24.65 -14.89
N LYS A 223 -15.12 -24.52 -15.95
CA LYS A 223 -14.59 -24.77 -17.29
C LYS A 223 -13.47 -23.76 -17.60
N SER B 1 17.52 20.53 2.03
CA SER B 1 16.78 20.49 3.30
C SER B 1 17.72 20.77 4.48
N ASP B 2 17.16 20.92 5.68
CA ASP B 2 17.82 21.59 6.80
C ASP B 2 18.37 20.66 7.87
N ILE B 3 17.50 19.81 8.38
CA ILE B 3 17.89 18.81 9.35
C ILE B 3 17.50 17.50 8.74
N GLN B 4 18.31 16.49 8.94
CA GLN B 4 18.03 15.18 8.39
C GLN B 4 17.77 14.22 9.53
N MET B 5 16.71 13.42 9.39
CA MET B 5 16.33 12.41 10.39
C MET B 5 16.61 11.04 9.79
N THR B 6 17.72 10.43 10.19
CA THR B 6 18.09 9.10 9.72
C THR B 6 17.56 8.05 10.70
N GLN B 7 16.71 7.16 10.21
CA GLN B 7 16.00 6.21 11.05
C GLN B 7 16.56 4.80 10.84
N SER B 8 16.60 4.02 11.92
CA SER B 8 17.12 2.67 11.89
C SER B 8 16.46 1.82 12.98
N PRO B 9 16.13 0.55 12.68
CA PRO B 9 16.36 -0.13 11.40
C PRO B 9 15.30 0.21 10.35
N SER B 10 15.50 -0.24 9.12
CA SER B 10 14.50 -0.06 8.08
C SER B 10 13.34 -1.04 8.23
N SER B 11 13.53 -2.12 8.98
CA SER B 11 12.50 -3.13 9.18
C SER B 11 13.03 -4.15 10.18
N LEU B 12 12.15 -5.01 10.65
CA LEU B 12 12.53 -6.11 11.53
C LEU B 12 11.33 -7.05 11.69
N SER B 13 11.64 -8.27 12.13
CA SER B 13 10.62 -9.28 12.41
C SER B 13 10.74 -9.66 13.88
N ALA B 14 9.67 -9.41 14.63
CA ALA B 14 9.68 -9.63 16.08
C ALA B 14 8.52 -10.53 16.49
N SER B 15 8.79 -11.41 17.43
CA SER B 15 7.73 -12.23 18.02
C SER B 15 6.90 -11.39 18.97
N VAL B 16 5.70 -11.88 19.27
CA VAL B 16 4.85 -11.21 20.25
C VAL B 16 5.51 -11.30 21.61
N GLY B 17 5.53 -10.18 22.33
CA GLY B 17 6.20 -10.07 23.59
C GLY B 17 7.64 -9.60 23.51
N ASP B 18 8.22 -9.60 22.32
CA ASP B 18 9.57 -9.07 22.15
C ASP B 18 9.57 -7.56 22.34
N ARG B 19 10.69 -7.04 22.83
CA ARG B 19 10.90 -5.61 22.95
C ARG B 19 11.59 -5.12 21.69
N VAL B 20 11.11 -4.02 21.12
CA VAL B 20 11.72 -3.47 19.91
C VAL B 20 12.10 -2.02 20.19
N THR B 21 13.20 -1.59 19.60
CA THR B 21 13.72 -0.23 19.77
C THR B 21 14.07 0.32 18.39
N ILE B 22 13.53 1.49 18.06
CA ILE B 22 13.79 2.18 16.81
C ILE B 22 14.45 3.51 17.15
N THR B 23 15.45 3.90 16.36
CA THR B 23 16.26 5.06 16.68
C THR B 23 16.33 6.00 15.49
N CYS B 24 16.09 7.29 15.75
CA CYS B 24 16.22 8.35 14.77
C CYS B 24 17.33 9.30 15.21
N ARG B 25 18.24 9.61 14.29
CA ARG B 25 19.35 10.51 14.53
C ARG B 25 19.13 11.79 13.72
N ALA B 26 19.12 12.93 14.40
CA ALA B 26 19.02 14.22 13.75
C ALA B 26 20.41 14.69 13.32
N SER B 27 20.51 15.20 12.08
CA SER B 27 21.79 15.66 11.58
C SER B 27 22.38 16.74 12.47
N GLN B 28 21.53 17.52 13.14
CA GLN B 28 21.96 18.53 14.09
C GLN B 28 20.93 18.58 15.21
N SER B 29 21.20 19.41 16.22
CA SER B 29 20.31 19.48 17.36
C SER B 29 18.89 19.85 16.92
N VAL B 30 17.90 19.25 17.60
CA VAL B 30 16.50 19.56 17.35
C VAL B 30 15.80 19.77 18.68
N SER B 31 16.56 19.91 19.75
CA SER B 31 16.00 20.06 21.10
C SER B 31 15.16 18.82 21.38
N SER B 32 13.95 18.98 21.92
CA SER B 32 13.05 17.85 22.17
C SER B 32 11.82 17.89 21.27
N ALA B 33 11.89 18.60 20.15
CA ALA B 33 10.74 18.76 19.25
C ALA B 33 10.69 17.60 18.25
N VAL B 34 10.53 16.40 18.80
CA VAL B 34 10.47 15.17 18.01
C VAL B 34 9.19 14.43 18.32
N ALA B 35 8.59 13.82 17.30
CA ALA B 35 7.36 13.08 17.44
C ALA B 35 7.51 11.71 16.78
N TRP B 36 6.66 10.78 17.21
CA TRP B 36 6.65 9.42 16.69
C TRP B 36 5.22 9.06 16.30
N TYR B 37 5.05 8.52 15.09
CA TYR B 37 3.76 8.13 14.56
C TYR B 37 3.78 6.65 14.17
N GLN B 38 2.61 6.01 14.28
CA GLN B 38 2.38 4.64 13.83
C GLN B 38 1.40 4.68 12.67
N GLN B 39 1.70 3.92 11.61
CA GLN B 39 0.87 3.88 10.41
C GLN B 39 0.63 2.44 10.03
N LYS B 40 -0.63 2.09 9.80
CA LYS B 40 -1.01 0.79 9.30
C LYS B 40 -1.16 0.84 7.78
N PRO B 41 -1.02 -0.30 7.10
CA PRO B 41 -1.17 -0.28 5.63
C PRO B 41 -2.53 0.25 5.22
N GLY B 42 -2.53 1.15 4.24
CA GLY B 42 -3.76 1.75 3.76
C GLY B 42 -4.52 2.48 4.84
N LYS B 43 -3.83 3.36 5.55
CA LYS B 43 -4.43 4.12 6.64
C LYS B 43 -3.55 5.33 6.96
N ALA B 44 -4.14 6.31 7.63
CA ALA B 44 -3.42 7.51 7.98
C ALA B 44 -2.60 7.28 9.25
N PRO B 45 -1.52 8.04 9.43
CA PRO B 45 -0.71 7.88 10.63
C PRO B 45 -1.46 8.33 11.87
N LYS B 46 -0.99 7.86 13.02
CA LYS B 46 -1.55 8.21 14.32
C LYS B 46 -0.43 8.69 15.24
N LEU B 47 -0.69 9.76 15.96
CA LEU B 47 0.32 10.32 16.86
C LEU B 47 0.55 9.38 18.03
N LEU B 48 1.77 8.87 18.15
CA LEU B 48 2.14 8.02 19.27
C LEU B 48 2.82 8.82 20.37
N ILE B 49 3.86 9.58 20.01
CA ILE B 49 4.64 10.32 20.99
C ILE B 49 4.91 11.73 20.49
N TYR B 50 4.98 12.68 21.41
CA TYR B 50 5.33 14.06 21.09
C TYR B 50 6.32 14.58 22.11
N SER B 51 7.05 15.63 21.73
CA SER B 51 8.03 16.26 22.60
C SER B 51 9.05 15.27 23.17
N ALA B 52 9.36 14.21 22.37
CA ALA B 52 10.57 13.40 22.50
C ALA B 52 10.40 12.55 23.79
N SER B 53 9.25 12.54 24.41
CA SER B 53 9.20 11.62 25.55
C SER B 53 7.78 11.56 26.11
N SER B 54 6.94 12.50 25.71
CA SER B 54 5.58 12.54 26.23
C SER B 54 4.67 11.59 25.45
N LEU B 55 3.71 11.01 26.16
CA LEU B 55 2.78 10.06 25.58
C LEU B 55 1.48 10.77 25.19
N TYR B 56 1.01 10.52 23.97
CA TYR B 56 -0.23 11.12 23.51
C TYR B 56 -1.43 10.44 24.17
N SER B 57 -2.45 11.24 24.48
CA SER B 57 -3.62 10.71 25.17
C SER B 57 -4.25 9.58 24.37
N GLY B 58 -4.53 8.47 25.05
CA GLY B 58 -5.10 7.30 24.42
C GLY B 58 -4.09 6.26 23.97
N VAL B 59 -2.81 6.60 23.97
CA VAL B 59 -1.78 5.66 23.51
C VAL B 59 -1.42 4.72 24.66
N PRO B 60 -1.33 3.41 24.43
CA PRO B 60 -0.97 2.50 25.51
C PRO B 60 0.42 2.80 26.05
N SER B 61 0.68 2.29 27.26
CA SER B 61 1.90 2.64 27.98
C SER B 61 3.12 1.84 27.53
N ARG B 62 2.94 0.80 26.70
CA ARG B 62 4.10 0.06 26.23
C ARG B 62 4.92 0.86 25.22
N PHE B 63 4.39 1.96 24.69
CA PHE B 63 5.13 2.86 23.82
C PHE B 63 5.82 3.92 24.67
N SER B 64 7.13 4.05 24.49
CA SER B 64 7.91 5.02 25.25
C SER B 64 8.86 5.75 24.32
N GLY B 65 9.15 7.00 24.67
CA GLY B 65 10.07 7.81 23.89
C GLY B 65 11.17 8.40 24.76
N SER B 66 12.41 8.30 24.30
CA SER B 66 13.54 8.80 25.06
C SER B 66 14.48 9.58 24.15
N ARG B 67 15.26 10.46 24.76
CA ARG B 67 16.21 11.31 24.05
C ARG B 67 17.57 11.25 24.72
N SER B 68 18.62 11.26 23.89
CA SER B 68 20.01 11.36 24.34
C SER B 68 20.71 12.25 23.30
N GLY B 69 20.87 13.52 23.62
CA GLY B 69 21.46 14.46 22.69
C GLY B 69 20.64 14.62 21.43
N THR B 70 21.20 14.21 20.30
CA THR B 70 20.50 14.25 19.02
C THR B 70 19.93 12.89 18.62
N ASP B 71 19.91 11.92 19.53
CA ASP B 71 19.38 10.60 19.26
C ASP B 71 18.05 10.44 19.97
N PHE B 72 17.04 9.93 19.26
CA PHE B 72 15.72 9.72 19.81
C PHE B 72 15.34 8.26 19.61
N THR B 73 14.71 7.67 20.62
CA THR B 73 14.43 6.23 20.61
C THR B 73 12.98 6.00 20.98
N LEU B 74 12.26 5.31 20.08
CA LEU B 74 10.95 4.77 20.36
C LEU B 74 11.11 3.33 20.82
N THR B 75 10.50 2.98 21.93
CA THR B 75 10.61 1.65 22.52
C THR B 75 9.21 1.06 22.69
N ILE B 76 9.01 -0.13 22.13
CA ILE B 76 7.80 -0.90 22.35
C ILE B 76 8.21 -2.07 23.24
N SER B 77 7.83 -1.99 24.52
CA SER B 77 8.11 -3.04 25.47
C SER B 77 6.99 -4.08 25.37
N SER B 78 7.36 -5.30 24.98
CA SER B 78 6.43 -6.43 24.89
C SER B 78 5.48 -6.27 23.71
N LEU B 79 6.04 -6.27 22.49
CA LEU B 79 5.25 -6.10 21.28
C LEU B 79 4.03 -7.01 21.28
N GLN B 80 2.88 -6.43 20.94
CA GLN B 80 1.60 -7.12 20.87
C GLN B 80 1.12 -7.25 19.44
N PRO B 81 0.16 -8.13 19.17
CA PRO B 81 -0.24 -8.37 17.77
C PRO B 81 -0.74 -7.13 17.05
N GLU B 82 -1.47 -6.26 17.74
CA GLU B 82 -2.02 -5.06 17.11
C GLU B 82 -0.98 -3.96 16.91
N ASP B 83 0.31 -4.26 17.12
CA ASP B 83 1.36 -3.25 17.03
C ASP B 83 2.19 -3.36 15.76
N PHE B 84 1.99 -4.40 14.95
CA PHE B 84 2.72 -4.53 13.69
C PHE B 84 2.29 -3.39 12.76
N ALA B 85 3.27 -2.68 12.20
CA ALA B 85 2.98 -1.46 11.45
C ALA B 85 4.26 -0.72 11.09
N THR B 86 4.16 0.41 10.40
CA THR B 86 5.32 1.20 10.02
C THR B 86 5.39 2.43 10.92
N TYR B 87 6.50 2.60 11.61
CA TYR B 87 6.69 3.70 12.54
C TYR B 87 7.59 4.76 11.93
N TYR B 88 7.20 6.02 12.10
CA TYR B 88 7.95 7.15 11.57
C TYR B 88 8.28 8.12 12.69
N CYS B 89 9.44 8.77 12.56
CA CYS B 89 9.82 9.85 13.45
C CYS B 89 9.75 11.17 12.69
N GLN B 90 9.56 12.25 13.43
CA GLN B 90 9.43 13.57 12.85
C GLN B 90 10.17 14.59 13.71
N GLN B 91 10.83 15.54 13.05
CA GLN B 91 11.47 16.67 13.71
C GLN B 91 10.69 17.92 13.33
N SER B 92 10.15 18.61 14.33
CA SER B 92 9.44 19.87 14.14
C SER B 92 10.15 21.01 14.86
N TYR B 93 11.48 20.95 14.92
CA TYR B 93 12.25 22.02 15.55
C TYR B 93 12.40 23.23 14.64
N SER B 94 12.39 23.01 13.33
CA SER B 94 12.56 24.09 12.37
C SER B 94 12.02 23.64 11.02
N PHE B 95 11.54 24.60 10.25
CA PHE B 95 11.06 24.28 8.90
C PHE B 95 12.24 24.26 7.93
N PRO B 96 12.22 23.34 6.94
CA PRO B 96 11.16 22.36 6.69
C PRO B 96 11.19 21.18 7.67
N SER B 97 10.01 20.68 8.04
CA SER B 97 9.94 19.48 8.86
C SER B 97 10.53 18.29 8.12
N THR B 98 11.07 17.34 8.87
CA THR B 98 11.69 16.16 8.30
C THR B 98 11.14 14.91 8.96
N PHE B 99 10.86 13.90 8.14
CA PHE B 99 10.42 12.59 8.61
C PHE B 99 11.55 11.59 8.43
N GLY B 100 11.57 10.57 9.28
CA GLY B 100 12.49 9.47 9.09
C GLY B 100 12.08 8.60 7.92
N GLN B 101 12.97 7.66 7.58
CA GLN B 101 12.67 6.75 6.48
C GLN B 101 11.52 5.82 6.83
N GLY B 102 11.36 5.50 8.11
CA GLY B 102 10.34 4.57 8.55
C GLY B 102 10.93 3.22 8.92
N THR B 103 10.26 2.54 9.85
CA THR B 103 10.65 1.19 10.27
C THR B 103 9.41 0.30 10.21
N LYS B 104 9.45 -0.73 9.37
CA LYS B 104 8.33 -1.64 9.18
C LYS B 104 8.48 -2.81 10.15
N VAL B 105 7.65 -2.85 11.17
CA VAL B 105 7.65 -3.91 12.18
C VAL B 105 6.62 -4.95 11.76
N GLU B 106 7.11 -6.12 11.38
CA GLU B 106 6.28 -7.27 11.01
C GLU B 106 6.42 -8.36 12.06
N ILE B 107 5.42 -9.21 12.15
CA ILE B 107 5.36 -10.26 13.16
C ILE B 107 6.05 -11.50 12.62
N LYS B 108 6.80 -12.18 13.48
CA LYS B 108 7.47 -13.43 13.13
C LYS B 108 6.62 -14.61 13.58
N ARG B 109 6.61 -15.67 12.77
CA ARG B 109 5.85 -16.87 13.08
C ARG B 109 6.58 -18.07 12.50
N THR B 110 6.04 -19.26 12.77
CA THR B 110 6.61 -20.48 12.21
C THR B 110 6.45 -20.49 10.69
N VAL B 111 7.32 -21.24 10.02
CA VAL B 111 7.31 -21.27 8.56
C VAL B 111 6.08 -22.06 8.10
N ALA B 112 5.42 -21.54 7.06
CA ALA B 112 4.26 -22.19 6.46
C ALA B 112 4.55 -22.39 4.98
N ALA B 113 4.45 -23.64 4.53
CA ALA B 113 4.68 -23.93 3.12
C ALA B 113 3.60 -23.26 2.27
N PRO B 114 3.95 -22.74 1.09
CA PRO B 114 2.93 -22.12 0.25
C PRO B 114 2.03 -23.16 -0.41
N SER B 115 0.82 -22.73 -0.74
CA SER B 115 -0.09 -23.52 -1.57
C SER B 115 0.01 -23.01 -3.00
N VAL B 116 0.50 -23.85 -3.90
CA VAL B 116 0.80 -23.46 -5.27
C VAL B 116 -0.37 -23.80 -6.16
N PHE B 117 -0.83 -22.82 -6.95
CA PHE B 117 -1.90 -23.01 -7.91
C PHE B 117 -1.47 -22.41 -9.24
N ILE B 118 -1.97 -22.98 -10.34
CA ILE B 118 -1.72 -22.48 -11.68
C ILE B 118 -3.05 -22.19 -12.36
N PHE B 119 -3.11 -21.08 -13.08
CA PHE B 119 -4.32 -20.63 -13.76
C PHE B 119 -3.97 -20.35 -15.21
N PRO B 120 -4.54 -21.09 -16.17
CA PRO B 120 -4.29 -20.78 -17.58
C PRO B 120 -5.03 -19.53 -18.01
N PRO B 121 -4.73 -19.00 -19.19
CA PRO B 121 -5.46 -17.82 -19.68
C PRO B 121 -6.90 -18.17 -20.02
N SER B 122 -7.75 -17.15 -19.98
CA SER B 122 -9.14 -17.32 -20.38
C SER B 122 -9.29 -17.19 -21.89
N ASP B 123 -10.35 -17.79 -22.41
CA ASP B 123 -10.59 -17.71 -23.85
C ASP B 123 -10.73 -16.27 -24.32
N GLU B 124 -11.30 -15.40 -23.49
CA GLU B 124 -11.45 -13.99 -23.89
C GLU B 124 -10.08 -13.36 -24.13
N GLN B 125 -9.15 -13.54 -23.21
CA GLN B 125 -7.82 -12.95 -23.35
C GLN B 125 -7.13 -13.48 -24.60
N LEU B 126 -7.17 -14.80 -24.81
CA LEU B 126 -6.62 -15.38 -26.02
C LEU B 126 -7.21 -14.70 -27.26
N LYS B 127 -8.54 -14.57 -27.30
CA LYS B 127 -9.18 -13.87 -28.40
C LYS B 127 -8.67 -12.44 -28.53
N SER B 128 -8.31 -11.81 -27.41
CA SER B 128 -7.80 -10.45 -27.46
C SER B 128 -6.39 -10.36 -28.03
N GLY B 129 -5.71 -11.48 -28.21
CA GLY B 129 -4.35 -11.49 -28.72
C GLY B 129 -3.28 -11.61 -27.66
N THR B 130 -3.63 -11.96 -26.42
CA THR B 130 -2.68 -12.07 -25.33
C THR B 130 -3.11 -13.21 -24.43
N ALA B 131 -2.16 -13.75 -23.68
CA ALA B 131 -2.42 -14.85 -22.75
C ALA B 131 -1.63 -14.59 -21.48
N SER B 132 -2.30 -14.66 -20.34
CA SER B 132 -1.70 -14.45 -19.03
C SER B 132 -1.89 -15.70 -18.19
N VAL B 133 -0.79 -16.35 -17.83
CA VAL B 133 -0.79 -17.53 -16.97
C VAL B 133 -0.35 -17.10 -15.58
N VAL B 134 -1.12 -17.49 -14.56
CA VAL B 134 -0.91 -17.00 -13.20
C VAL B 134 -0.50 -18.14 -12.30
N CYS B 135 0.55 -17.93 -11.51
CA CYS B 135 0.97 -18.85 -10.47
C CYS B 135 0.74 -18.18 -9.13
N LEU B 136 0.07 -18.88 -8.21
CA LEU B 136 -0.36 -18.31 -6.94
C LEU B 136 0.26 -19.12 -5.81
N LEU B 137 1.04 -18.44 -4.96
CA LEU B 137 1.60 -19.02 -3.75
C LEU B 137 0.79 -18.47 -2.59
N ASN B 138 -0.02 -19.33 -1.97
CA ASN B 138 -0.99 -18.90 -0.97
C ASN B 138 -0.48 -19.19 0.44
N ASN B 139 -0.58 -18.18 1.29
CA ASN B 139 -0.36 -18.30 2.74
C ASN B 139 0.92 -19.03 3.08
N PHE B 140 2.05 -18.34 3.00
CA PHE B 140 3.34 -18.89 3.35
C PHE B 140 4.10 -17.90 4.22
N TYR B 141 5.12 -18.41 4.92
CA TYR B 141 6.01 -17.63 5.74
C TYR B 141 7.30 -18.44 5.84
N PRO B 142 8.48 -17.80 5.74
CA PRO B 142 8.69 -16.35 5.57
C PRO B 142 8.35 -15.82 4.18
N ARG B 143 8.48 -14.49 4.03
CA ARG B 143 8.10 -13.84 2.77
C ARG B 143 8.93 -14.34 1.60
N GLU B 144 10.16 -14.79 1.85
CA GLU B 144 11.07 -15.11 0.77
C GLU B 144 10.69 -16.41 0.08
N ALA B 145 10.56 -16.35 -1.24
CA ALA B 145 10.24 -17.53 -2.05
C ALA B 145 10.87 -17.35 -3.42
N LYS B 146 11.02 -18.46 -4.14
CA LYS B 146 11.56 -18.45 -5.49
C LYS B 146 10.56 -19.13 -6.42
N VAL B 147 10.22 -18.47 -7.52
CA VAL B 147 9.28 -18.99 -8.50
C VAL B 147 9.89 -18.87 -9.89
N GLN B 148 9.79 -19.94 -10.67
CA GLN B 148 10.34 -20.00 -12.02
C GLN B 148 9.30 -20.57 -12.97
N TRP B 149 9.28 -20.05 -14.19
CA TRP B 149 8.33 -20.48 -15.22
C TRP B 149 9.04 -21.38 -16.22
N LYS B 150 8.32 -22.38 -16.73
CA LYS B 150 8.86 -23.28 -17.75
C LYS B 150 7.75 -23.69 -18.71
N VAL B 151 7.87 -23.30 -19.98
CA VAL B 151 7.04 -23.83 -21.05
C VAL B 151 7.89 -24.84 -21.79
N ASP B 152 7.29 -26.00 -22.09
CA ASP B 152 8.11 -27.07 -22.58
C ASP B 152 9.14 -27.50 -21.56
N ASN B 153 10.25 -26.78 -21.55
CA ASN B 153 11.23 -26.89 -20.48
C ASN B 153 12.16 -25.67 -20.46
N ALA B 154 12.01 -24.77 -21.44
CA ALA B 154 12.75 -23.51 -21.52
C ALA B 154 12.47 -22.71 -20.27
N LEU B 155 13.49 -22.55 -19.43
CA LEU B 155 13.39 -21.67 -18.27
C LEU B 155 13.10 -20.26 -18.75
N GLN B 156 11.90 -19.77 -18.49
CA GLN B 156 11.52 -18.44 -18.94
C GLN B 156 12.23 -17.37 -18.12
N SER B 157 12.34 -16.18 -18.69
CA SER B 157 13.00 -15.07 -18.01
C SER B 157 12.72 -13.76 -18.73
N GLY B 158 12.35 -12.73 -17.98
CA GLY B 158 12.07 -11.44 -18.55
C GLY B 158 10.66 -11.24 -19.05
N ASN B 159 9.73 -12.14 -18.71
CA ASN B 159 8.36 -12.03 -19.16
C ASN B 159 7.36 -12.33 -18.04
N SER B 160 7.80 -12.25 -16.79
CA SER B 160 6.96 -12.55 -15.65
C SER B 160 7.00 -11.39 -14.66
N GLN B 161 5.82 -10.99 -14.21
CA GLN B 161 5.68 -9.95 -13.18
C GLN B 161 5.32 -10.61 -11.85
N GLU B 162 5.81 -10.02 -10.76
CA GLU B 162 5.61 -10.57 -9.42
C GLU B 162 4.98 -9.53 -8.51
N SER B 163 4.02 -9.98 -7.71
CA SER B 163 3.39 -9.14 -6.70
C SER B 163 3.19 -9.96 -5.43
N VAL B 164 3.14 -9.26 -4.30
CA VAL B 164 3.00 -9.92 -2.99
C VAL B 164 2.15 -9.05 -2.09
N THR B 165 1.37 -9.70 -1.23
CA THR B 165 0.45 -9.00 -0.35
C THR B 165 1.12 -8.66 0.97
N GLU B 166 0.54 -7.70 1.68
CA GLU B 166 0.98 -7.39 3.03
C GLU B 166 0.68 -8.56 3.97
N GLN B 167 1.41 -8.60 5.08
CA GLN B 167 1.22 -9.66 6.06
C GLN B 167 -0.25 -9.77 6.45
N ASP B 168 -0.77 -10.99 6.46
CA ASP B 168 -2.17 -11.21 6.79
C ASP B 168 -2.41 -10.89 8.26
N SER B 169 -3.49 -10.14 8.53
CA SER B 169 -3.78 -9.73 9.90
C SER B 169 -4.23 -10.90 10.77
N LYS B 170 -4.76 -11.96 10.16
CA LYS B 170 -5.28 -13.09 10.93
C LYS B 170 -4.19 -14.13 11.21
N ASP B 171 -3.51 -14.61 10.16
CA ASP B 171 -2.53 -15.68 10.31
C ASP B 171 -1.09 -15.23 10.05
N SER B 172 -0.87 -13.95 9.73
CA SER B 172 0.45 -13.37 9.56
C SER B 172 1.22 -13.95 8.39
N THR B 173 0.55 -14.66 7.48
CA THR B 173 1.22 -15.25 6.33
C THR B 173 1.25 -14.25 5.17
N TYR B 174 1.96 -14.63 4.11
CA TYR B 174 2.05 -13.84 2.90
C TYR B 174 1.47 -14.64 1.72
N SER B 175 1.08 -13.91 0.68
CA SER B 175 0.61 -14.49 -0.57
C SER B 175 1.29 -13.77 -1.72
N LEU B 176 1.67 -14.53 -2.75
CA LEU B 176 2.41 -14.01 -3.88
C LEU B 176 1.80 -14.50 -5.19
N SER B 177 1.96 -13.70 -6.23
CA SER B 177 1.42 -14.01 -7.54
C SER B 177 2.46 -13.68 -8.60
N SER B 178 2.74 -14.66 -9.46
CA SER B 178 3.55 -14.48 -10.65
C SER B 178 2.64 -14.54 -11.87
N THR B 179 2.90 -13.68 -12.85
CA THR B 179 2.08 -13.58 -14.04
C THR B 179 2.97 -13.59 -15.27
N LEU B 180 2.83 -14.62 -16.10
CA LEU B 180 3.58 -14.76 -17.34
C LEU B 180 2.68 -14.35 -18.50
N THR B 181 3.15 -13.41 -19.31
CA THR B 181 2.35 -12.84 -20.39
C THR B 181 3.00 -13.18 -21.72
N LEU B 182 2.22 -13.79 -22.61
CA LEU B 182 2.67 -14.13 -23.95
C LEU B 182 1.64 -13.65 -24.96
N SER B 183 2.01 -13.72 -26.24
CA SER B 183 1.07 -13.44 -27.30
C SER B 183 0.23 -14.68 -27.61
N LYS B 184 -0.85 -14.48 -28.37
CA LYS B 184 -1.72 -15.60 -28.75
C LYS B 184 -0.91 -16.69 -29.43
N ALA B 185 -0.23 -16.35 -30.53
CA ALA B 185 0.55 -17.34 -31.26
C ALA B 185 1.59 -18.00 -30.35
N ASP B 186 2.39 -17.18 -29.65
CA ASP B 186 3.40 -17.73 -28.76
C ASP B 186 2.79 -18.75 -27.81
N TYR B 187 1.61 -18.46 -27.28
CA TYR B 187 0.99 -19.37 -26.32
C TYR B 187 0.51 -20.65 -27.00
N GLU B 188 0.04 -20.55 -28.25
CA GLU B 188 -0.41 -21.76 -28.93
C GLU B 188 0.75 -22.68 -29.29
N LYS B 189 1.96 -22.12 -29.43
CA LYS B 189 3.07 -22.87 -30.01
C LYS B 189 3.66 -23.90 -29.06
N HIS B 190 3.33 -23.86 -27.77
CA HIS B 190 3.92 -24.76 -26.78
C HIS B 190 2.80 -25.47 -26.02
N LYS B 191 3.12 -26.66 -25.51
CA LYS B 191 2.11 -27.53 -24.90
C LYS B 191 2.01 -27.29 -23.40
N VAL B 192 3.03 -27.67 -22.66
CA VAL B 192 2.98 -27.68 -21.21
C VAL B 192 3.50 -26.36 -20.66
N TYR B 193 2.79 -25.83 -19.65
CA TYR B 193 3.19 -24.64 -18.92
C TYR B 193 3.26 -25.00 -17.44
N ALA B 194 4.37 -24.65 -16.80
CA ALA B 194 4.63 -25.09 -15.43
C ALA B 194 5.25 -23.97 -14.61
N CYS B 195 4.94 -23.99 -13.32
CA CYS B 195 5.46 -23.06 -12.33
C CYS B 195 6.14 -23.87 -11.23
N GLU B 196 7.41 -23.57 -10.98
CA GLU B 196 8.21 -24.27 -9.99
C GLU B 196 8.52 -23.32 -8.83
N VAL B 197 8.19 -23.75 -7.62
CA VAL B 197 8.31 -22.92 -6.43
C VAL B 197 9.26 -23.61 -5.46
N THR B 198 10.25 -22.86 -4.97
CA THR B 198 11.11 -23.30 -3.89
C THR B 198 10.93 -22.36 -2.71
N HIS B 199 10.77 -22.94 -1.52
CA HIS B 199 10.49 -22.20 -0.29
C HIS B 199 11.03 -22.99 0.88
N GLN B 200 11.31 -22.28 1.98
CA GLN B 200 11.89 -22.93 3.16
C GLN B 200 10.99 -24.05 3.68
N GLY B 201 9.68 -23.91 3.50
CA GLY B 201 8.76 -24.93 3.97
C GLY B 201 8.62 -26.13 3.07
N LEU B 202 9.24 -26.11 1.90
CA LEU B 202 9.21 -27.22 0.96
C LEU B 202 10.59 -27.85 0.92
N SER B 203 10.67 -29.13 1.32
CA SER B 203 11.94 -29.84 1.23
C SER B 203 12.41 -29.95 -0.20
N SER B 204 11.48 -30.09 -1.14
CA SER B 204 11.78 -30.20 -2.57
C SER B 204 10.95 -29.19 -3.34
N PRO B 205 11.53 -28.53 -4.34
CA PRO B 205 10.74 -27.62 -5.19
C PRO B 205 9.48 -28.30 -5.71
N VAL B 206 8.36 -27.59 -5.61
CA VAL B 206 7.06 -28.10 -6.05
C VAL B 206 6.72 -27.52 -7.40
N THR B 207 6.19 -28.34 -8.29
CA THR B 207 5.84 -27.92 -9.64
C THR B 207 4.34 -28.07 -9.85
N LYS B 208 3.74 -27.10 -10.53
CA LYS B 208 2.32 -27.11 -10.89
C LYS B 208 2.22 -26.73 -12.35
N SER B 209 1.63 -27.62 -13.16
CA SER B 209 1.64 -27.42 -14.60
C SER B 209 0.32 -27.86 -15.23
N PHE B 210 0.14 -27.47 -16.49
CA PHE B 210 -1.02 -27.84 -17.27
C PHE B 210 -0.62 -27.93 -18.74
N ASN B 211 -1.53 -28.45 -19.56
CA ASN B 211 -1.35 -28.57 -21.00
C ASN B 211 -2.40 -27.73 -21.71
N ARG B 212 -1.94 -26.91 -22.65
CA ARG B 212 -2.85 -26.05 -23.41
C ARG B 212 -3.90 -26.87 -24.15
#